data_5AAN
#
_entry.id   5AAN
#
_cell.length_a   54.052
_cell.length_b   54.961
_cell.length_c   61.132
_cell.angle_alpha   90.00
_cell.angle_beta   90.00
_cell.angle_gamma   90.00
#
_symmetry.space_group_name_H-M   'P 21 21 21'
#
loop_
_entity.id
_entity.type
_entity.pdbx_description
1 polymer 'CG5907-PA, ISOFORM A'
2 non-polymer 'CALCIUM ION'
3 non-polymer N-phenothiazin-10-yl-2-piperidin-1-yl-ethanamide
4 non-polymer 2-(2-METHOXYETHOXY)ETHANOL
5 water water
#
_entity_poly.entity_id   1
_entity_poly.type   'polypeptide(L)'
_entity_poly.pdbx_seq_one_letter_code
;MGKKNSKLKQDTIDRLTTDTYFTEKEIRQWHKGFLKDCPNGLLTEQGFIKIYKQFFPDGDPSKFASLVFRVFDENNDGAI
EFEEFIRALSITSRGNLDEKLHWAFRLYDVDNDGYITREEMYNIVDAIYQMVGQQPQTEDENTPQKRVDKIFDQMDKNHD
DRLTLEEFREGSKADPRMVQALSLGGD
;
_entity_poly.pdbx_strand_id   A
#
loop_
_chem_comp.id
_chem_comp.type
_chem_comp.name
_chem_comp.formula
CA non-polymer 'CALCIUM ION' 'Ca 2'
PG0 non-polymer 2-(2-METHOXYETHOXY)ETHANOL 'C5 H12 O3'
XOC non-polymer N-phenothiazin-10-yl-2-piperidin-1-yl-ethanamide 'C19 H21 N3 O S'
#
# COMPACT_ATOMS: atom_id res chain seq x y z
N LYS A 3 -9.66 26.10 3.47
CA LYS A 3 -10.79 25.27 3.09
C LYS A 3 -11.32 24.51 4.30
N LYS A 4 -12.30 23.64 4.04
CA LYS A 4 -12.77 22.69 5.04
C LYS A 4 -11.73 21.56 5.16
N ASN A 5 -10.98 21.34 4.08
CA ASN A 5 -9.97 20.29 3.99
C ASN A 5 -8.56 20.85 4.07
N SER A 6 -8.43 22.16 3.94
CA SER A 6 -7.12 22.80 3.97
C SER A 6 -6.66 23.08 5.39
N LYS A 7 -7.59 23.18 6.34
CA LYS A 7 -7.17 23.48 7.71
C LYS A 7 -7.04 22.19 8.50
N LEU A 8 -6.08 22.20 9.43
CA LEU A 8 -5.90 21.07 10.33
C LEU A 8 -6.66 21.37 11.63
N LYS A 9 -7.76 20.66 11.83
CA LYS A 9 -8.60 20.85 13.02
C LYS A 9 -8.14 20.01 14.21
N GLN A 10 -8.36 20.55 15.39
CA GLN A 10 -7.99 19.86 16.60
C GLN A 10 -8.60 18.43 16.69
N ASP A 11 -9.83 18.30 16.25
CA ASP A 11 -10.51 17.02 16.26
CA ASP A 11 -10.47 16.98 16.36
C ASP A 11 -9.69 15.96 15.52
N THR A 12 -9.14 16.37 14.38
CA THR A 12 -8.34 15.47 13.56
C THR A 12 -7.07 15.09 14.29
N ILE A 13 -6.41 16.07 14.88
CA ILE A 13 -5.19 15.81 15.65
C ILE A 13 -5.42 14.85 16.82
N ASP A 14 -6.53 15.04 17.53
CA ASP A 14 -6.88 14.18 18.63
C ASP A 14 -6.99 12.74 18.15
N ARG A 15 -7.74 12.50 17.09
CA ARG A 15 -7.85 11.14 16.60
C ARG A 15 -6.48 10.61 16.14
N LEU A 16 -5.71 11.42 15.43
CA LEU A 16 -4.42 10.94 14.94
C LEU A 16 -3.44 10.61 16.06
N THR A 17 -3.42 11.39 17.13
CA THR A 17 -2.51 11.05 18.21
C THR A 17 -2.99 9.85 19.01
N THR A 18 -4.29 9.60 18.99
CA THR A 18 -4.84 8.40 19.56
C THR A 18 -4.47 7.16 18.75
N ASP A 19 -4.52 7.27 17.43
CA ASP A 19 -4.43 6.11 16.53
C ASP A 19 -3.08 5.81 15.92
N THR A 20 -2.17 6.76 15.95
CA THR A 20 -0.91 6.64 15.23
C THR A 20 0.31 6.73 16.14
N TYR A 21 1.46 6.56 15.52
CA TYR A 21 2.73 6.60 16.20
C TYR A 21 3.37 7.99 16.15
N PHE A 22 2.60 8.99 15.73
CA PHE A 22 3.13 10.33 15.58
C PHE A 22 2.69 11.21 16.74
N THR A 23 3.58 12.10 17.16
CA THR A 23 3.21 13.12 18.12
C THR A 23 2.42 14.27 17.47
N GLU A 24 1.78 15.09 18.28
CA GLU A 24 1.07 16.27 17.78
C GLU A 24 2.05 17.17 17.00
N LYS A 25 3.25 17.37 17.53
CA LYS A 25 4.26 18.15 16.84
C LYS A 25 4.59 17.63 15.45
N GLU A 26 4.79 16.31 15.34
CA GLU A 26 5.11 15.69 14.06
C GLU A 26 3.93 15.82 13.08
N ILE A 27 2.72 15.64 13.58
CA ILE A 27 1.52 15.74 12.77
C ILE A 27 1.40 17.13 12.18
N ARG A 28 1.63 18.13 13.02
CA ARG A 28 1.53 19.51 12.54
C ARG A 28 2.60 19.81 11.50
N GLN A 29 3.81 19.29 11.70
CA GLN A 29 4.88 19.43 10.73
C GLN A 29 4.50 18.75 9.41
N TRP A 30 3.97 17.53 9.48
CA TRP A 30 3.59 16.80 8.30
C TRP A 30 2.52 17.56 7.51
N HIS A 31 1.63 18.24 8.22
CA HIS A 31 0.56 18.93 7.55
C HIS A 31 1.10 20.06 6.71
N LYS A 32 2.09 20.78 7.23
CA LYS A 32 2.72 21.84 6.44
C LYS A 32 3.24 21.30 5.12
N GLY A 33 3.87 20.13 5.19
CA GLY A 33 4.43 19.50 4.01
C GLY A 33 3.38 18.96 3.07
N PHE A 34 2.32 18.41 3.66
CA PHE A 34 1.19 17.92 2.87
C PHE A 34 0.58 19.05 2.06
N LEU A 35 0.39 20.20 2.68
CA LEU A 35 -0.28 21.30 1.98
C LEU A 35 0.61 21.90 0.91
N LYS A 36 1.92 21.83 1.10
CA LYS A 36 2.80 22.35 0.08
C LYS A 36 2.64 21.52 -1.19
N ASP A 37 2.61 20.20 -1.06
CA ASP A 37 2.41 19.33 -2.21
C ASP A 37 0.93 19.31 -2.66
N CYS A 38 0.02 19.72 -1.78
CA CYS A 38 -1.42 19.55 -2.00
CA CYS A 38 -1.41 19.54 -2.00
C CYS A 38 -2.20 20.67 -1.35
N PRO A 39 -2.20 21.87 -1.97
CA PRO A 39 -2.80 23.03 -1.32
C PRO A 39 -4.27 22.87 -0.95
N ASN A 40 -5.00 22.07 -1.73
CA ASN A 40 -6.40 21.77 -1.47
C ASN A 40 -6.66 20.90 -0.27
N GLY A 41 -5.61 20.28 0.23
CA GLY A 41 -5.79 19.33 1.32
C GLY A 41 -6.29 17.98 0.86
N LEU A 42 -6.39 17.78 -0.44
CA LEU A 42 -6.93 16.52 -0.96
C LEU A 42 -6.01 16.06 -2.05
N LEU A 43 -5.52 14.83 -1.94
CA LEU A 43 -4.62 14.29 -2.93
C LEU A 43 -5.44 13.35 -3.84
N THR A 44 -5.50 13.70 -5.12
CA THR A 44 -6.18 12.90 -6.15
C THR A 44 -5.32 11.70 -6.56
N GLU A 45 -5.94 10.71 -7.19
CA GLU A 45 -5.22 9.55 -7.69
C GLU A 45 -4.15 9.98 -8.70
N GLN A 46 -4.49 10.85 -9.65
CA GLN A 46 -3.49 11.24 -10.63
C GLN A 46 -2.37 12.05 -9.96
N GLY A 47 -2.71 12.83 -8.94
CA GLY A 47 -1.73 13.60 -8.19
C GLY A 47 -0.78 12.63 -7.49
N PHE A 48 -1.35 11.55 -6.96
CA PHE A 48 -0.57 10.51 -6.29
C PHE A 48 0.38 9.81 -7.29
N ILE A 49 -0.11 9.48 -8.49
CA ILE A 49 0.69 8.90 -9.55
C ILE A 49 1.84 9.83 -9.93
N LYS A 50 1.54 11.12 -10.08
CA LYS A 50 2.59 12.08 -10.41
C LYS A 50 3.73 12.05 -9.38
N ILE A 51 3.38 11.90 -8.12
CA ILE A 51 4.40 11.83 -7.05
C ILE A 51 5.29 10.61 -7.23
N TYR A 52 4.71 9.48 -7.57
CA TYR A 52 5.49 8.31 -7.88
C TYR A 52 6.31 8.46 -9.16
N LYS A 53 5.84 9.22 -10.15
CA LYS A 53 6.60 9.35 -11.38
C LYS A 53 7.88 10.14 -11.09
N GLN A 54 7.85 10.99 -10.07
CA GLN A 54 9.05 11.72 -9.68
C GLN A 54 10.13 10.81 -9.13
N PHE A 55 9.77 9.61 -8.71
CA PHE A 55 10.69 8.71 -8.00
C PHE A 55 11.16 7.53 -8.85
N PHE A 56 10.42 7.24 -9.91
CA PHE A 56 10.74 6.11 -10.78
C PHE A 56 10.59 6.54 -12.21
N PRO A 57 11.39 7.52 -12.64
CA PRO A 57 11.19 8.12 -13.96
C PRO A 57 11.37 7.12 -15.10
N ASP A 58 12.10 6.03 -14.84
CA ASP A 58 12.39 5.03 -15.87
C ASP A 58 11.14 4.24 -16.29
N GLY A 59 10.43 3.66 -15.32
CA GLY A 59 9.27 2.84 -15.63
C GLY A 59 7.97 3.61 -15.62
N ASP A 60 6.87 2.86 -15.48
CA ASP A 60 5.54 3.45 -15.36
C ASP A 60 4.95 3.04 -14.01
N PRO A 61 5.11 3.89 -12.98
CA PRO A 61 4.57 3.57 -11.65
C PRO A 61 3.05 3.75 -11.55
N SER A 62 2.37 4.09 -12.64
CA SER A 62 0.92 4.30 -12.63
C SER A 62 0.14 3.17 -11.98
N LYS A 63 0.33 1.96 -12.45
CA LYS A 63 -0.44 0.85 -11.93
C LYS A 63 -0.20 0.65 -10.43
N PHE A 64 1.05 0.69 -10.01
CA PHE A 64 1.38 0.43 -8.61
C PHE A 64 0.84 1.55 -7.74
N ALA A 65 0.97 2.79 -8.22
CA ALA A 65 0.50 3.92 -7.43
C ALA A 65 -1.01 3.86 -7.25
N SER A 66 -1.72 3.42 -8.29
CA SER A 66 -3.18 3.30 -8.22
CA SER A 66 -3.18 3.29 -8.23
C SER A 66 -3.58 2.24 -7.19
N LEU A 67 -2.86 1.13 -7.17
CA LEU A 67 -3.12 0.08 -6.20
C LEU A 67 -2.86 0.59 -4.78
N VAL A 68 -1.77 1.31 -4.59
CA VAL A 68 -1.48 1.88 -3.28
C VAL A 68 -2.50 2.95 -2.87
N PHE A 69 -2.92 3.78 -3.83
CA PHE A 69 -3.91 4.82 -3.60
C PHE A 69 -5.14 4.28 -2.95
N ARG A 70 -5.63 3.17 -3.47
CA ARG A 70 -6.86 2.57 -2.95
CA ARG A 70 -6.89 2.65 -2.93
C ARG A 70 -6.71 2.16 -1.48
N VAL A 71 -5.51 1.79 -1.09
CA VAL A 71 -5.33 1.41 0.33
C VAL A 71 -5.26 2.69 1.20
N PHE A 72 -4.58 3.73 0.71
CA PHE A 72 -4.58 5.01 1.45
C PHE A 72 -5.99 5.58 1.61
N ASP A 73 -6.80 5.48 0.54
CA ASP A 73 -8.12 6.07 0.51
C ASP A 73 -9.09 5.18 1.26
N GLU A 74 -8.98 5.14 2.57
CA GLU A 74 -9.62 4.08 3.33
C GLU A 74 -11.14 4.22 3.33
N ASN A 75 -11.65 5.44 3.18
CA ASN A 75 -13.10 5.66 3.14
C ASN A 75 -13.65 5.63 1.70
N ASN A 76 -12.77 5.36 0.73
CA ASN A 76 -13.18 5.14 -0.64
C ASN A 76 -13.95 6.29 -1.26
N ASP A 77 -13.59 7.51 -0.92
CA ASP A 77 -14.27 8.66 -1.52
C ASP A 77 -13.47 9.24 -2.70
N GLY A 78 -12.38 8.58 -3.08
CA GLY A 78 -11.62 9.00 -4.25
C GLY A 78 -10.57 10.06 -4.03
N ALA A 79 -10.35 10.43 -2.79
CA ALA A 79 -9.29 11.35 -2.47
C ALA A 79 -8.59 10.87 -1.21
N ILE A 80 -7.32 11.20 -1.11
CA ILE A 80 -6.55 11.02 0.13
C ILE A 80 -6.53 12.31 0.88
N GLU A 81 -7.22 12.32 2.02
CA GLU A 81 -7.19 13.47 2.92
C GLU A 81 -6.01 13.32 3.87
N PHE A 82 -5.66 14.40 4.55
CA PHE A 82 -4.49 14.36 5.41
C PHE A 82 -4.55 13.24 6.43
N GLU A 83 -5.70 13.02 7.04
CA GLU A 83 -5.84 12.03 8.08
C GLU A 83 -5.52 10.62 7.53
N GLU A 84 -5.96 10.37 6.31
CA GLU A 84 -5.69 9.11 5.66
C GLU A 84 -4.21 8.97 5.34
N PHE A 85 -3.60 10.05 4.89
CA PHE A 85 -2.18 10.07 4.59
C PHE A 85 -1.38 9.70 5.83
N ILE A 86 -1.66 10.38 6.95
CA ILE A 86 -0.93 10.10 8.18
C ILE A 86 -1.16 8.69 8.73
N ARG A 87 -2.38 8.21 8.69
CA ARG A 87 -2.64 6.85 9.16
C ARG A 87 -1.82 5.83 8.37
N ALA A 88 -1.76 6.02 7.06
CA ALA A 88 -1.03 5.06 6.23
C ALA A 88 0.46 5.17 6.48
N LEU A 89 0.95 6.41 6.58
CA LEU A 89 2.38 6.64 6.89
C LEU A 89 2.79 6.05 8.23
N SER A 90 1.90 6.17 9.20
CA SER A 90 2.18 5.66 10.53
C SER A 90 2.38 4.15 10.48
N ILE A 91 1.47 3.46 9.81
CA ILE A 91 1.56 2.01 9.72
C ILE A 91 2.77 1.61 8.94
N THR A 92 2.99 2.22 7.79
CA THR A 92 4.06 1.71 6.92
C THR A 92 5.46 2.10 7.39
N SER A 93 5.60 3.20 8.14
CA SER A 93 6.91 3.64 8.59
C SER A 93 7.21 3.30 10.06
N ARG A 94 6.17 3.14 10.88
CA ARG A 94 6.36 2.93 12.29
C ARG A 94 5.61 1.74 12.85
N GLY A 95 4.84 1.06 12.02
CA GLY A 95 4.01 -0.02 12.50
C GLY A 95 4.82 -1.24 12.89
N ASN A 96 4.22 -2.08 13.72
CA ASN A 96 4.82 -3.38 14.03
C ASN A 96 4.58 -4.34 12.87
N LEU A 97 5.17 -5.53 12.95
CA LEU A 97 5.16 -6.43 11.82
C LEU A 97 3.74 -6.86 11.46
N ASP A 98 2.92 -7.12 12.46
CA ASP A 98 1.56 -7.57 12.23
C ASP A 98 0.74 -6.47 11.53
N GLU A 99 0.91 -5.23 11.96
CA GLU A 99 0.26 -4.09 11.30
C GLU A 99 0.69 -3.89 9.86
N LYS A 100 2.00 -3.98 9.62
CA LYS A 100 2.51 -3.85 8.27
C LYS A 100 2.02 -4.97 7.37
N LEU A 101 1.92 -6.18 7.92
CA LEU A 101 1.47 -7.29 7.13
C LEU A 101 0.00 -7.14 6.78
N HIS A 102 -0.79 -6.66 7.70
N HIS A 102 -0.79 -6.65 7.71
CA HIS A 102 -2.19 -6.41 7.42
CA HIS A 102 -2.20 -6.39 7.45
C HIS A 102 -2.33 -5.36 6.32
C HIS A 102 -2.37 -5.34 6.35
N TRP A 103 -1.56 -4.28 6.40
CA TRP A 103 -1.56 -3.26 5.37
C TRP A 103 -1.20 -3.87 4.00
N ALA A 104 -0.17 -4.71 3.97
CA ALA A 104 0.22 -5.35 2.72
C ALA A 104 -0.90 -6.27 2.20
N PHE A 105 -1.57 -6.95 3.12
CA PHE A 105 -2.70 -7.80 2.75
C PHE A 105 -3.75 -6.97 2.03
N ARG A 106 -4.03 -5.77 2.56
CA ARG A 106 -5.05 -4.91 1.97
C ARG A 106 -4.63 -4.50 0.57
N LEU A 107 -3.34 -4.24 0.36
CA LEU A 107 -2.85 -3.91 -0.95
C LEU A 107 -3.04 -5.07 -1.94
N TYR A 108 -2.67 -6.27 -1.53
CA TYR A 108 -2.79 -7.44 -2.40
C TYR A 108 -4.23 -7.85 -2.67
N ASP A 109 -5.10 -7.63 -1.71
CA ASP A 109 -6.52 -7.98 -1.87
C ASP A 109 -7.23 -6.84 -2.60
N VAL A 110 -6.97 -6.81 -3.91
CA VAL A 110 -7.38 -5.69 -4.72
C VAL A 110 -8.89 -5.50 -4.72
N ASP A 111 -9.67 -6.60 -4.73
CA ASP A 111 -11.11 -6.45 -4.74
C ASP A 111 -11.75 -6.44 -3.36
N ASN A 112 -10.92 -6.39 -2.32
CA ASN A 112 -11.39 -6.27 -0.95
CA ASN A 112 -11.42 -6.28 -0.94
C ASN A 112 -12.43 -7.35 -0.59
N ASP A 113 -12.21 -8.59 -1.03
CA ASP A 113 -13.15 -9.65 -0.67
C ASP A 113 -12.65 -10.50 0.51
N GLY A 114 -11.52 -10.12 1.10
CA GLY A 114 -11.02 -10.82 2.27
C GLY A 114 -10.05 -11.96 1.94
N TYR A 115 -9.77 -12.12 0.66
CA TYR A 115 -8.85 -13.15 0.20
C TYR A 115 -7.90 -12.59 -0.83
N ILE A 116 -6.66 -13.08 -0.84
CA ILE A 116 -5.75 -12.82 -1.95
C ILE A 116 -5.80 -14.05 -2.88
N THR A 117 -6.07 -13.78 -4.15
CA THR A 117 -5.94 -14.84 -5.16
C THR A 117 -4.57 -14.79 -5.89
N ARG A 118 -4.26 -15.86 -6.63
CA ARG A 118 -3.03 -15.86 -7.42
C ARG A 118 -2.96 -14.68 -8.35
N GLU A 119 -4.08 -14.43 -9.00
CA GLU A 119 -4.22 -13.37 -9.97
C GLU A 119 -3.99 -12.00 -9.35
N GLU A 120 -4.45 -11.83 -8.12
CA GLU A 120 -4.24 -10.56 -7.41
C GLU A 120 -2.76 -10.40 -7.11
N MET A 121 -2.13 -11.48 -6.69
CA MET A 121 -0.72 -11.44 -6.43
C MET A 121 0.06 -11.16 -7.75
N TYR A 122 -0.32 -11.79 -8.86
CA TYR A 122 0.30 -11.45 -10.16
C TYR A 122 0.19 -9.97 -10.48
N ASN A 123 -1.00 -9.42 -10.26
CA ASN A 123 -1.31 -8.02 -10.49
C ASN A 123 -0.34 -7.09 -9.77
N ILE A 124 -0.16 -7.28 -8.47
CA ILE A 124 0.74 -6.41 -7.72
C ILE A 124 2.18 -6.59 -8.22
N VAL A 125 2.58 -7.82 -8.50
CA VAL A 125 3.96 -8.08 -8.88
C VAL A 125 4.24 -7.43 -10.22
N ASP A 126 3.31 -7.58 -11.15
CA ASP A 126 3.39 -6.93 -12.44
C ASP A 126 3.49 -5.42 -12.29
N ALA A 127 2.65 -4.88 -11.41
CA ALA A 127 2.68 -3.45 -11.18
C ALA A 127 4.05 -2.97 -10.71
N ILE A 128 4.67 -3.73 -9.83
CA ILE A 128 5.98 -3.39 -9.29
C ILE A 128 7.00 -3.41 -10.42
N TYR A 129 6.94 -4.42 -11.27
CA TYR A 129 7.89 -4.52 -12.36
C TYR A 129 7.72 -3.34 -13.32
N GLN A 130 6.46 -2.92 -13.57
CA GLN A 130 6.21 -1.78 -14.46
C GLN A 130 6.89 -0.53 -13.92
N MET A 131 6.95 -0.44 -12.60
CA MET A 131 7.48 0.73 -11.91
C MET A 131 9.00 0.75 -11.96
N VAL A 132 9.63 -0.37 -11.60
CA VAL A 132 11.08 -0.44 -11.38
C VAL A 132 11.87 -0.99 -12.58
N GLY A 133 11.16 -1.59 -13.54
CA GLY A 133 11.80 -2.11 -14.74
C GLY A 133 11.50 -3.59 -14.97
N GLN A 134 10.84 -3.88 -16.09
CA GLN A 134 10.45 -5.24 -16.45
C GLN A 134 11.64 -6.05 -16.93
N GLN A 135 11.63 -7.37 -16.71
CA GLN A 135 12.76 -8.18 -17.12
C GLN A 135 12.35 -9.35 -18.00
N PRO A 136 13.06 -9.54 -19.11
CA PRO A 136 12.73 -10.64 -20.01
C PRO A 136 13.01 -12.00 -19.37
N GLN A 137 12.13 -12.99 -19.57
CA GLN A 137 12.38 -14.35 -19.11
C GLN A 137 12.38 -15.26 -20.32
N THR A 138 13.44 -16.04 -20.45
CA THR A 138 13.57 -17.00 -21.53
C THR A 138 13.21 -18.42 -21.05
N GLU A 139 12.86 -18.56 -19.77
CA GLU A 139 12.42 -19.85 -19.24
C GLU A 139 10.97 -19.74 -18.78
N ASP A 140 10.11 -20.45 -19.49
CA ASP A 140 8.69 -20.40 -19.24
C ASP A 140 8.37 -21.04 -17.89
N GLU A 141 9.32 -21.81 -17.36
CA GLU A 141 9.15 -22.45 -16.04
C GLU A 141 9.70 -21.60 -14.88
N ASN A 142 10.31 -20.45 -15.20
CA ASN A 142 10.94 -19.61 -14.19
C ASN A 142 10.53 -18.13 -14.27
N THR A 143 9.32 -17.86 -14.78
CA THR A 143 8.78 -16.52 -14.83
C THR A 143 8.39 -16.00 -13.45
N PRO A 144 8.12 -14.69 -13.33
CA PRO A 144 7.59 -14.14 -12.09
C PRO A 144 6.33 -14.85 -11.62
N GLN A 145 5.41 -15.11 -12.55
CA GLN A 145 4.15 -15.77 -12.23
C GLN A 145 4.38 -17.16 -11.66
N LYS A 146 5.33 -17.89 -12.22
CA LYS A 146 5.62 -19.23 -11.71
C LYS A 146 6.32 -19.20 -10.35
N ARG A 147 7.19 -18.23 -10.11
CA ARG A 147 7.85 -18.16 -8.80
C ARG A 147 6.85 -17.72 -7.72
N VAL A 148 5.98 -16.80 -8.09
CA VAL A 148 4.86 -16.38 -7.24
C VAL A 148 3.92 -17.55 -6.93
N ASP A 149 3.58 -18.35 -7.94
CA ASP A 149 2.78 -19.53 -7.71
C ASP A 149 3.38 -20.40 -6.62
N LYS A 150 4.70 -20.54 -6.60
CA LYS A 150 5.30 -21.42 -5.60
C LYS A 150 5.21 -20.79 -4.22
N ILE A 151 5.42 -19.49 -4.15
CA ILE A 151 5.29 -18.79 -2.89
C ILE A 151 3.83 -18.87 -2.41
N PHE A 152 2.89 -18.62 -3.32
CA PHE A 152 1.47 -18.70 -3.00
C PHE A 152 1.12 -20.08 -2.47
N ASP A 153 1.58 -21.11 -3.17
CA ASP A 153 1.19 -22.48 -2.83
C ASP A 153 1.64 -22.78 -1.43
N GLN A 154 2.84 -22.33 -1.09
CA GLN A 154 3.35 -22.56 0.24
C GLN A 154 2.58 -21.84 1.34
N MET A 155 2.03 -20.67 1.04
CA MET A 155 1.22 -19.95 2.02
C MET A 155 -0.22 -20.47 2.10
N ASP A 156 -0.69 -21.08 1.02
CA ASP A 156 -2.09 -21.52 0.93
C ASP A 156 -2.25 -22.88 1.60
N LYS A 157 -2.37 -22.86 2.93
CA LYS A 157 -2.31 -24.07 3.77
C LYS A 157 -3.46 -25.04 3.56
N ASN A 158 -4.63 -24.56 3.18
CA ASN A 158 -5.75 -25.47 2.91
C ASN A 158 -6.06 -25.61 1.44
N HIS A 159 -5.13 -25.15 0.61
CA HIS A 159 -5.18 -25.34 -0.84
C HIS A 159 -6.51 -25.07 -1.48
N ASP A 160 -7.13 -23.95 -1.12
CA ASP A 160 -8.35 -23.55 -1.77
C ASP A 160 -8.11 -22.43 -2.77
N ASP A 161 -6.83 -22.15 -3.06
CA ASP A 161 -6.45 -21.22 -4.12
C ASP A 161 -6.73 -19.78 -3.74
N ARG A 162 -6.76 -19.54 -2.44
CA ARG A 162 -6.91 -18.16 -1.96
C ARG A 162 -6.24 -18.05 -0.58
N LEU A 163 -5.75 -16.85 -0.24
CA LEU A 163 -5.09 -16.63 1.02
C LEU A 163 -5.94 -15.76 1.93
N THR A 164 -6.15 -16.24 3.13
CA THR A 164 -6.76 -15.42 4.15
C THR A 164 -5.70 -14.48 4.69
N LEU A 165 -6.10 -13.50 5.49
CA LEU A 165 -5.13 -12.69 6.19
C LEU A 165 -4.17 -13.52 7.06
N GLU A 166 -4.72 -14.50 7.79
CA GLU A 166 -3.90 -15.38 8.64
C GLU A 166 -2.90 -16.15 7.80
N GLU A 167 -3.32 -16.70 6.66
CA GLU A 167 -2.36 -17.42 5.82
C GLU A 167 -1.28 -16.52 5.28
N PHE A 168 -1.65 -15.33 4.80
CA PHE A 168 -0.67 -14.40 4.28
C PHE A 168 0.25 -13.90 5.39
N ARG A 169 -0.31 -13.61 6.56
CA ARG A 169 0.51 -13.00 7.59
C ARG A 169 1.53 -14.03 8.11
N GLU A 170 1.05 -15.22 8.45
CA GLU A 170 1.93 -16.28 8.92
C GLU A 170 2.83 -16.77 7.79
N GLY A 171 2.30 -16.87 6.58
CA GLY A 171 3.07 -17.23 5.42
C GLY A 171 4.24 -16.28 5.20
N SER A 172 4.01 -14.99 5.43
CA SER A 172 5.02 -13.98 5.18
C SER A 172 6.08 -13.92 6.28
N LYS A 173 5.74 -14.38 7.47
CA LYS A 173 6.73 -14.41 8.55
C LYS A 173 7.76 -15.49 8.23
N ALA A 174 7.37 -16.53 7.50
CA ALA A 174 8.29 -17.60 7.11
C ALA A 174 8.95 -17.34 5.74
N ASP A 175 8.28 -16.56 4.90
CA ASP A 175 8.80 -16.19 3.59
C ASP A 175 8.37 -14.76 3.36
N PRO A 176 9.21 -13.79 3.77
CA PRO A 176 8.82 -12.38 3.71
C PRO A 176 8.96 -11.74 2.33
N ARG A 177 9.15 -12.52 1.27
CA ARG A 177 9.47 -11.95 -0.03
C ARG A 177 8.34 -11.11 -0.63
N MET A 178 7.08 -11.45 -0.37
CA MET A 178 5.97 -10.68 -0.95
C MET A 178 5.76 -9.35 -0.25
N VAL A 179 6.21 -9.23 0.99
CA VAL A 179 6.07 -7.96 1.70
C VAL A 179 7.38 -7.16 1.64
N GLN A 180 8.50 -7.85 1.50
CA GLN A 180 9.77 -7.16 1.27
C GLN A 180 9.69 -6.46 -0.09
N ALA A 181 8.89 -7.03 -1.00
CA ALA A 181 8.68 -6.46 -2.33
C ALA A 181 8.00 -5.08 -2.27
N LEU A 182 7.33 -4.80 -1.15
CA LEU A 182 6.72 -3.49 -0.86
C LEU A 182 7.55 -2.70 0.17
N SER A 183 8.68 -3.27 0.56
CA SER A 183 9.52 -2.73 1.62
C SER A 183 8.78 -2.67 2.97
N LEU A 184 8.08 -3.75 3.32
CA LEU A 184 7.30 -3.82 4.56
C LEU A 184 7.60 -5.07 5.40
N GLY A 185 8.84 -5.54 5.37
CA GLY A 185 9.25 -6.70 6.14
C GLY A 185 10.26 -6.38 7.22
CA CA B . -10.53 9.36 1.27
CA CA C . -6.31 -20.78 1.70
CA CA D . -9.35 -10.59 -3.24
C1 XOC E . 4.59 9.69 0.38
C2 XOC E . 4.65 11.06 0.65
C3 XOC E . 5.20 11.48 1.86
C4 XOC E . 5.68 10.53 2.76
C5 XOC E . 5.62 9.16 2.48
C6 XOC E . 5.07 8.74 1.27
C7 XOC E . 5.69 7.19 -0.35
C8 XOC E . 6.78 6.31 -0.50
C9 XOC E . 7.42 6.25 -1.75
C10 XOC E . 7.00 7.03 -2.81
C11 XOC E . 5.93 7.91 -2.66
C12 XOC E . 5.29 7.97 -1.43
C13 XOC E . 5.09 5.17 1.83
C14 XOC E . 4.12 4.00 1.94
C15 XOC E . 5.55 2.13 1.46
C16 XOC E . 5.76 0.88 0.63
C17 XOC E . 5.07 1.06 -0.66
C18 XOC E . 3.58 1.13 -0.38
C19 XOC E . 3.27 2.04 0.79
N1 XOC E . 4.97 7.39 0.85
N2 XOC E . 4.47 6.37 1.71
N3 XOC E . 4.41 2.93 0.97
O2 XOC E . 6.31 5.00 1.89
S1 XOC E . 3.94 9.06 -1.13
C5 PG0 F . 9.74 -13.84 -5.78
O2 PG0 F . 9.15 -12.60 -6.21
C4 PG0 F . 8.77 -11.72 -5.21
C3 PG0 F . 8.16 -10.46 -5.86
O1 PG0 F . 9.16 -9.56 -6.26
C2 PG0 F . 8.64 -8.42 -6.92
C1 PG0 F . 9.72 -7.61 -7.64
OTT PG0 F . 10.26 -6.61 -6.80
#